data_4LMG
#
_entry.id   4LMG
#
_cell.length_a   41.536
_cell.length_b   127.453
_cell.length_c   70.766
_cell.angle_alpha   90.00
_cell.angle_beta   90.04
_cell.angle_gamma   90.00
#
_symmetry.space_group_name_H-M   'P 1 21 1'
#
loop_
_entity.id
_entity.type
_entity.pdbx_description
1 polymer 'Iron-regulated transcriptional activator AFT2'
2 polymer "5'-D(*TP*AP*AP*TP*GP*GP*GP*TP*GP*CP*AP*CP*T)-3'"
3 polymer "5'-D(*AP*AP*GP*TP*GP*CP*AP*CP*CP*CP*AP*TP*T)-3'"
4 non-polymer 'ZINC ION'
5 water water
#
loop_
_entity_poly.entity_id
_entity_poly.type
_entity_poly.pdbx_seq_one_letter_code
_entity_poly.pdbx_strand_id
1 'polypeptide(L)'
;MDQNKLIHLDPVPSFEDRHEIKPWLQKIFYPQGIDIVIERSDSSKVTFKCRSVRSKVGLNPKSKGSSSRSHACPFRIRAA
YSVRLQKWNVVVMNNIHSHELRFDLITKTDDYKKFKENLRQKNDEKAIKTFDELEYKASLNLPLVTPIISCDCGLTK
;
A,B,C,D
2 'polydeoxyribonucleotide' (DT)(DA)(DA)(DT)(DG)(DG)(DG)(DT)(DG)(DC)(DA)(DC)(DT) E,G
3 'polydeoxyribonucleotide' (DA)(DA)(DG)(DT)(DG)(DC)(DA)(DC)(DC)(DC)(DA)(DT)(DT) F,H
#
loop_
_chem_comp.id
_chem_comp.type
_chem_comp.name
_chem_comp.formula
DA DNA linking 2'-DEOXYADENOSINE-5'-MONOPHOSPHATE 'C10 H14 N5 O6 P'
DC DNA linking 2'-DEOXYCYTIDINE-5'-MONOPHOSPHATE 'C9 H14 N3 O7 P'
DG DNA linking 2'-DEOXYGUANOSINE-5'-MONOPHOSPHATE 'C10 H14 N5 O7 P'
DT DNA linking THYMIDINE-5'-MONOPHOSPHATE 'C10 H15 N2 O8 P'
ZN non-polymer 'ZINC ION' 'Zn 2'
#
# COMPACT_ATOMS: atom_id res chain seq x y z
N LEU A 6 -26.68 -0.93 -26.22
CA LEU A 6 -27.32 -0.47 -24.98
C LEU A 6 -27.84 -1.66 -24.19
N ILE A 7 -27.07 -2.10 -23.19
CA ILE A 7 -27.42 -3.28 -22.43
C ILE A 7 -27.59 -2.98 -20.94
N HIS A 8 -28.80 -3.19 -20.42
CA HIS A 8 -29.07 -2.99 -19.01
C HIS A 8 -28.64 -4.22 -18.21
N LEU A 9 -27.96 -3.99 -17.09
CA LEU A 9 -27.50 -5.08 -16.23
C LEU A 9 -28.52 -5.41 -15.14
N ASP A 10 -28.73 -6.70 -14.92
CA ASP A 10 -29.65 -7.16 -13.89
C ASP A 10 -29.20 -8.50 -13.32
N PRO A 11 -29.36 -8.69 -12.00
CA PRO A 11 -29.91 -7.67 -11.11
C PRO A 11 -28.81 -6.74 -10.61
N VAL A 12 -29.19 -5.56 -10.12
CA VAL A 12 -28.24 -4.61 -9.58
C VAL A 12 -28.41 -4.46 -8.08
N PRO A 13 -27.35 -4.72 -7.31
CA PRO A 13 -27.38 -4.60 -5.84
C PRO A 13 -27.81 -3.21 -5.39
N SER A 14 -28.22 -3.10 -4.13
CA SER A 14 -28.72 -1.83 -3.61
C SER A 14 -27.60 -0.93 -3.12
N PHE A 15 -26.84 -0.38 -4.04
CA PHE A 15 -25.74 0.53 -3.70
C PHE A 15 -26.23 1.72 -2.88
N GLU A 16 -25.46 2.08 -1.86
CA GLU A 16 -25.79 3.24 -1.04
C GLU A 16 -24.82 4.40 -1.30
N ASP A 17 -23.91 4.18 -2.23
CA ASP A 17 -22.90 5.19 -2.56
C ASP A 17 -22.25 4.87 -3.91
N ARG A 18 -22.01 5.92 -4.70
CA ARG A 18 -21.36 5.78 -6.00
C ARG A 18 -20.09 4.93 -5.93
N HIS A 19 -19.39 5.01 -4.80
CA HIS A 19 -18.08 4.37 -4.66
C HIS A 19 -18.14 2.86 -4.47
N GLU A 20 -19.34 2.33 -4.22
CA GLU A 20 -19.50 0.89 -4.04
C GLU A 20 -19.67 0.19 -5.39
N ILE A 21 -19.81 0.98 -6.45
CA ILE A 21 -20.13 0.44 -7.76
C ILE A 21 -18.91 -0.13 -8.50
N LYS A 22 -17.81 0.61 -8.48
CA LYS A 22 -16.59 0.17 -9.16
C LYS A 22 -16.13 -1.22 -8.74
N PRO A 23 -16.01 -1.46 -7.42
CA PRO A 23 -15.61 -2.78 -6.91
C PRO A 23 -16.52 -3.89 -7.39
N TRP A 24 -17.81 -3.62 -7.48
CA TRP A 24 -18.77 -4.61 -7.97
C TRP A 24 -18.52 -4.89 -9.44
N LEU A 25 -18.33 -3.84 -10.22
CA LEU A 25 -18.09 -3.98 -11.65
C LEU A 25 -16.78 -4.72 -11.94
N GLN A 26 -15.78 -4.52 -11.09
CA GLN A 26 -14.50 -5.20 -11.26
C GLN A 26 -14.65 -6.71 -11.10
N LYS A 27 -15.45 -7.14 -10.14
CA LYS A 27 -15.70 -8.56 -9.93
C LYS A 27 -16.27 -9.18 -11.20
N ILE A 28 -17.05 -8.41 -11.94
CA ILE A 28 -17.73 -8.92 -13.13
C ILE A 28 -16.87 -8.83 -14.38
N PHE A 29 -16.16 -7.73 -14.54
CA PHE A 29 -15.45 -7.49 -15.80
C PHE A 29 -13.99 -7.92 -15.83
N TYR A 30 -13.34 -7.95 -14.68
CA TYR A 30 -11.98 -8.45 -14.60
C TYR A 30 -11.82 -9.83 -15.24
N PRO A 31 -12.73 -10.77 -14.90
CA PRO A 31 -12.63 -12.10 -15.51
C PRO A 31 -12.77 -12.05 -17.03
N GLN A 32 -13.31 -10.97 -17.56
CA GLN A 32 -13.50 -10.83 -19.00
C GLN A 32 -12.32 -10.13 -19.67
N GLY A 33 -11.24 -9.93 -18.93
CA GLY A 33 -10.08 -9.23 -19.46
C GLY A 33 -10.36 -7.76 -19.66
N ILE A 34 -11.30 -7.23 -18.87
CA ILE A 34 -11.67 -5.83 -18.97
C ILE A 34 -11.31 -5.10 -17.70
N ASP A 35 -10.49 -4.06 -17.84
CA ASP A 35 -9.97 -3.30 -16.71
C ASP A 35 -10.69 -1.95 -16.64
N ILE A 36 -11.67 -1.83 -15.74
CA ILE A 36 -12.49 -0.64 -15.69
C ILE A 36 -11.87 0.48 -14.85
N VAL A 37 -11.94 1.70 -15.36
CA VAL A 37 -11.59 2.88 -14.59
C VAL A 37 -12.75 3.87 -14.59
N ILE A 38 -12.73 4.82 -13.65
CA ILE A 38 -13.75 5.85 -13.60
C ILE A 38 -13.38 7.02 -14.50
N GLU A 39 -14.25 7.29 -15.47
CA GLU A 39 -14.07 8.45 -16.34
C GLU A 39 -14.55 9.69 -15.60
N ARG A 40 -15.63 9.53 -14.85
CA ARG A 40 -16.28 10.65 -14.18
C ARG A 40 -17.26 10.13 -13.15
N SER A 41 -17.42 10.87 -12.06
CA SER A 41 -18.44 10.54 -11.06
C SER A 41 -19.00 11.76 -10.35
N ASP A 42 -20.26 11.65 -9.95
CA ASP A 42 -20.88 12.59 -9.02
C ASP A 42 -21.78 11.77 -8.10
N SER A 43 -22.50 12.41 -7.19
CA SER A 43 -23.26 11.69 -6.18
C SER A 43 -24.34 10.76 -6.75
N SER A 44 -24.75 10.99 -7.99
CA SER A 44 -25.84 10.22 -8.57
C SER A 44 -25.52 9.65 -9.96
N LYS A 45 -24.24 9.56 -10.29
CA LYS A 45 -23.82 9.00 -11.57
C LYS A 45 -22.34 8.69 -11.63
N VAL A 46 -22.01 7.51 -12.13
CA VAL A 46 -20.62 7.13 -12.35
C VAL A 46 -20.46 6.55 -13.76
N THR A 47 -19.48 7.08 -14.49
CA THR A 47 -19.18 6.58 -15.82
C THR A 47 -17.84 5.85 -15.82
N PHE A 48 -17.85 4.62 -16.34
CA PHE A 48 -16.66 3.80 -16.37
C PHE A 48 -16.19 3.57 -17.79
N LYS A 49 -14.89 3.31 -17.94
CA LYS A 49 -14.34 2.92 -19.24
C LYS A 49 -13.11 2.04 -19.05
N CYS A 50 -12.55 1.56 -20.15
CA CYS A 50 -11.34 0.75 -20.07
C CYS A 50 -10.14 1.61 -19.70
N ARG A 51 -9.32 1.12 -18.79
CA ARG A 51 -8.07 1.80 -18.47
C ARG A 51 -7.33 2.09 -19.77
N SER A 52 -6.73 3.27 -19.85
CA SER A 52 -5.99 3.66 -21.03
C SER A 52 -4.60 3.02 -21.00
N VAL A 53 -4.31 2.18 -22.00
CA VAL A 53 -3.01 1.53 -22.09
C VAL A 53 -2.31 1.87 -23.41
N ALA A 72 -8.11 4.77 -28.79
CA ALA A 72 -9.09 4.99 -27.73
C ALA A 72 -10.25 4.00 -27.83
N CYS A 73 -10.60 3.39 -26.71
CA CYS A 73 -11.67 2.40 -26.69
C CYS A 73 -13.02 3.04 -26.34
N PRO A 74 -14.06 2.73 -27.14
CA PRO A 74 -15.40 3.33 -27.02
C PRO A 74 -16.23 2.70 -25.91
N PHE A 75 -15.85 1.52 -25.45
CA PHE A 75 -16.57 0.83 -24.39
C PHE A 75 -16.90 1.76 -23.23
N ARG A 76 -18.15 1.73 -22.77
CA ARG A 76 -18.58 2.59 -21.67
C ARG A 76 -19.60 1.89 -20.77
N ILE A 77 -19.43 2.08 -19.46
CA ILE A 77 -20.44 1.65 -18.50
C ILE A 77 -20.95 2.86 -17.74
N ARG A 78 -22.27 3.00 -17.66
CA ARG A 78 -22.87 4.14 -16.98
C ARG A 78 -23.83 3.69 -15.88
N ALA A 79 -23.50 4.03 -14.64
CA ALA A 79 -24.38 3.76 -13.52
C ALA A 79 -25.05 5.06 -13.11
N ALA A 80 -26.37 5.07 -13.06
CA ALA A 80 -27.12 6.28 -12.74
C ALA A 80 -28.18 6.03 -11.66
N TYR A 81 -28.26 6.96 -10.71
CA TYR A 81 -29.23 6.84 -9.63
C TYR A 81 -30.56 7.48 -10.00
N SER A 82 -31.62 6.67 -10.01
CA SER A 82 -32.97 7.17 -10.19
C SER A 82 -33.52 7.66 -8.85
N VAL A 83 -33.75 8.95 -8.74
CA VAL A 83 -34.35 9.51 -7.54
C VAL A 83 -35.79 8.97 -7.42
N ARG A 84 -36.45 8.85 -8.56
CA ARG A 84 -37.83 8.36 -8.63
C ARG A 84 -37.96 6.94 -8.11
N LEU A 85 -37.09 6.06 -8.60
CA LEU A 85 -37.12 4.65 -8.20
C LEU A 85 -36.24 4.39 -6.99
N GLN A 86 -35.45 5.40 -6.62
CA GLN A 86 -34.51 5.28 -5.51
C GLN A 86 -33.63 4.05 -5.64
N LYS A 87 -33.16 3.80 -6.87
CA LYS A 87 -32.24 2.69 -7.12
C LYS A 87 -31.25 3.07 -8.22
N TRP A 88 -30.13 2.36 -8.27
CA TRP A 88 -29.14 2.56 -9.32
C TRP A 88 -29.43 1.66 -10.50
N ASN A 89 -29.36 2.20 -11.70
CA ASN A 89 -29.39 1.36 -12.89
C ASN A 89 -28.04 1.38 -13.62
N VAL A 90 -27.63 0.22 -14.13
CA VAL A 90 -26.34 0.10 -14.78
C VAL A 90 -26.51 -0.33 -16.23
N VAL A 91 -25.93 0.45 -17.14
CA VAL A 91 -26.04 0.15 -18.56
C VAL A 91 -24.67 0.08 -19.21
N VAL A 92 -24.50 -0.91 -20.10
CA VAL A 92 -23.29 -1.03 -20.89
C VAL A 92 -23.51 -0.45 -22.28
N MET A 93 -22.59 0.40 -22.72
CA MET A 93 -22.69 1.03 -24.04
C MET A 93 -21.49 0.65 -24.89
N ASN A 94 -21.63 0.77 -26.21
CA ASN A 94 -20.56 0.43 -27.14
C ASN A 94 -19.77 -0.79 -26.68
N ASN A 95 -20.42 -1.95 -26.72
CA ASN A 95 -19.80 -3.18 -26.23
C ASN A 95 -18.57 -3.61 -27.03
N ILE A 96 -18.19 -2.77 -28.01
CA ILE A 96 -17.05 -3.06 -28.86
C ILE A 96 -15.77 -2.46 -28.29
N HIS A 97 -14.68 -3.21 -28.35
CA HIS A 97 -13.39 -2.73 -27.88
C HIS A 97 -12.42 -2.52 -29.03
N SER A 98 -11.47 -1.61 -28.83
CA SER A 98 -10.47 -1.30 -29.85
C SER A 98 -9.15 -1.98 -29.49
N HIS A 99 -9.22 -3.00 -28.64
CA HIS A 99 -8.03 -3.63 -28.12
C HIS A 99 -8.33 -5.05 -27.65
N GLU A 100 -7.28 -5.84 -27.48
CA GLU A 100 -7.44 -7.22 -27.01
C GLU A 100 -7.72 -7.25 -25.52
N LEU A 101 -8.50 -8.23 -25.10
CA LEU A 101 -8.84 -8.38 -23.69
C LEU A 101 -8.00 -9.48 -23.07
N ARG A 102 -6.99 -9.09 -22.30
CA ARG A 102 -6.08 -10.05 -21.70
C ARG A 102 -6.10 -9.96 -20.17
N PHE A 103 -6.50 -11.05 -19.54
CA PHE A 103 -6.56 -11.10 -18.08
C PHE A 103 -5.16 -11.25 -17.48
N ASP A 104 -4.30 -11.98 -18.18
CA ASP A 104 -2.93 -12.19 -17.69
C ASP A 104 -2.19 -10.87 -17.45
N LEU A 105 -2.34 -9.93 -18.36
CA LEU A 105 -1.69 -8.63 -18.24
C LEU A 105 -2.32 -7.85 -17.09
N ILE A 106 -3.63 -8.00 -16.92
CA ILE A 106 -4.36 -7.33 -15.85
C ILE A 106 -3.84 -7.69 -14.47
N THR A 107 -3.52 -8.97 -14.28
CA THR A 107 -3.08 -9.46 -12.97
C THR A 107 -1.78 -8.85 -12.50
N LYS A 108 -1.07 -8.17 -13.39
CA LYS A 108 0.22 -7.60 -13.07
C LYS A 108 0.12 -6.12 -12.70
N THR A 109 -1.11 -5.61 -12.73
CA THR A 109 -1.35 -4.20 -12.45
C THR A 109 -1.54 -3.95 -10.96
N ASP A 110 -1.32 -2.71 -10.55
CA ASP A 110 -1.47 -2.32 -9.16
C ASP A 110 -2.93 -2.30 -8.71
N ASP A 111 -3.82 -1.93 -9.63
CA ASP A 111 -5.24 -1.87 -9.29
C ASP A 111 -5.85 -3.25 -9.08
N TYR A 112 -5.40 -4.23 -9.86
CA TYR A 112 -5.87 -5.60 -9.66
C TYR A 112 -5.40 -6.12 -8.30
N LYS A 113 -4.14 -5.88 -8.00
CA LYS A 113 -3.58 -6.32 -6.73
C LYS A 113 -4.32 -5.65 -5.57
N LYS A 114 -4.61 -4.36 -5.72
CA LYS A 114 -5.39 -3.64 -4.72
C LYS A 114 -6.81 -4.18 -4.68
N PHE A 115 -7.35 -4.52 -5.85
CA PHE A 115 -8.67 -5.12 -5.93
C PHE A 115 -8.69 -6.45 -5.18
N LYS A 116 -7.64 -7.24 -5.38
CA LYS A 116 -7.52 -8.54 -4.74
C LYS A 116 -7.41 -8.42 -3.23
N GLU A 117 -6.64 -7.43 -2.77
CA GLU A 117 -6.46 -7.20 -1.34
C GLU A 117 -7.76 -6.71 -0.70
N ASN A 118 -8.54 -5.96 -1.46
CA ASN A 118 -9.83 -5.47 -0.96
C ASN A 118 -10.80 -6.62 -0.69
N LEU A 119 -10.79 -7.62 -1.57
CA LEU A 119 -11.59 -8.82 -1.38
C LEU A 119 -11.22 -9.50 -0.07
N ARG A 120 -9.92 -9.63 0.18
CA ARG A 120 -9.44 -10.24 1.41
C ARG A 120 -9.87 -9.42 2.62
N GLN A 121 -9.75 -8.11 2.51
CA GLN A 121 -10.21 -7.22 3.57
C GLN A 121 -11.67 -7.46 3.89
N LYS A 122 -12.50 -7.57 2.84
CA LYS A 122 -13.94 -7.75 3.00
C LYS A 122 -14.32 -9.20 3.32
N ASN A 123 -13.34 -10.08 3.38
CA ASN A 123 -13.59 -11.49 3.66
C ASN A 123 -14.47 -12.15 2.61
N ASP A 124 -14.39 -11.66 1.37
CA ASP A 124 -15.17 -12.22 0.28
C ASP A 124 -14.57 -13.55 -0.17
N GLU A 125 -14.82 -14.60 0.61
CA GLU A 125 -14.21 -15.91 0.38
C GLU A 125 -14.46 -16.46 -1.02
N LYS A 126 -15.71 -16.38 -1.49
CA LYS A 126 -16.07 -16.93 -2.79
C LYS A 126 -15.34 -16.22 -3.94
N ALA A 127 -15.31 -14.88 -3.88
CA ALA A 127 -14.64 -14.10 -4.92
C ALA A 127 -13.15 -14.43 -4.95
N ILE A 128 -12.54 -14.51 -3.78
CA ILE A 128 -11.12 -14.83 -3.67
C ILE A 128 -10.83 -16.18 -4.35
N LYS A 129 -11.68 -17.16 -4.08
CA LYS A 129 -11.55 -18.48 -4.71
C LYS A 129 -11.63 -18.35 -6.23
N THR A 130 -12.65 -17.65 -6.70
CA THR A 130 -12.88 -17.47 -8.13
C THR A 130 -11.65 -16.89 -8.82
N PHE A 131 -11.10 -15.82 -8.27
CA PHE A 131 -9.97 -15.13 -8.89
C PHE A 131 -8.66 -15.90 -8.71
N ASP A 132 -8.55 -16.67 -7.63
CA ASP A 132 -7.40 -17.55 -7.45
C ASP A 132 -7.29 -18.52 -8.62
N GLU A 133 -8.42 -19.10 -9.01
CA GLU A 133 -8.47 -20.04 -10.12
C GLU A 133 -8.19 -19.34 -11.45
N LEU A 134 -8.73 -18.14 -11.60
CA LEU A 134 -8.49 -17.36 -12.82
C LEU A 134 -7.00 -17.04 -12.99
N GLU A 135 -6.34 -16.72 -11.88
CA GLU A 135 -4.92 -16.44 -11.90
C GLU A 135 -4.14 -17.72 -12.16
N TYR A 136 -4.57 -18.80 -11.51
CA TYR A 136 -3.94 -20.10 -11.68
C TYR A 136 -3.96 -20.54 -13.14
N LYS A 137 -5.13 -20.44 -13.77
CA LYS A 137 -5.27 -20.80 -15.17
C LYS A 137 -4.46 -19.85 -16.05
N ALA A 138 -4.40 -18.58 -15.65
CA ALA A 138 -3.66 -17.58 -16.40
C ALA A 138 -2.16 -17.88 -16.38
N SER A 139 -1.66 -18.34 -15.25
CA SER A 139 -0.24 -18.64 -15.09
C SER A 139 0.15 -19.84 -15.94
N LEU A 140 -0.83 -20.68 -16.25
CA LEU A 140 -0.58 -21.87 -17.06
C LEU A 140 -0.89 -21.63 -18.53
N ASN A 141 -0.97 -20.35 -18.91
CA ASN A 141 -1.26 -19.98 -20.28
C ASN A 141 -2.59 -20.53 -20.79
N LEU A 142 -3.38 -21.08 -19.86
CA LEU A 142 -4.66 -21.67 -20.20
C LEU A 142 -5.67 -20.59 -20.60
N PRO A 143 -6.31 -20.77 -21.77
CA PRO A 143 -7.31 -19.83 -22.26
C PRO A 143 -8.63 -19.97 -21.52
N LEU B 6 19.32 -38.74 23.43
CA LEU B 6 20.05 -38.06 22.38
C LEU B 6 20.47 -39.04 21.29
N ILE B 7 20.11 -38.74 20.04
CA ILE B 7 20.35 -39.67 18.94
C ILE B 7 20.98 -38.98 17.73
N HIS B 8 22.12 -39.48 17.28
CA HIS B 8 22.77 -38.96 16.08
C HIS B 8 22.40 -39.81 14.87
N LEU B 9 21.62 -39.22 13.96
CA LEU B 9 21.22 -39.92 12.75
C LEU B 9 22.43 -40.25 11.88
N ASP B 10 22.38 -41.43 11.26
CA ASP B 10 23.48 -41.90 10.43
C ASP B 10 23.03 -43.13 9.63
N PRO B 11 23.21 -43.07 8.30
CA PRO B 11 23.83 -41.95 7.59
C PRO B 11 22.82 -40.88 7.16
N VAL B 12 23.32 -39.68 6.88
CA VAL B 12 22.49 -38.58 6.42
C VAL B 12 22.72 -38.30 4.95
N PRO B 13 21.64 -38.15 4.17
CA PRO B 13 21.74 -37.80 2.76
C PRO B 13 22.57 -36.54 2.56
N SER B 14 23.12 -36.34 1.37
CA SER B 14 23.89 -35.15 1.07
C SER B 14 23.02 -34.09 0.41
N PHE B 15 22.17 -33.45 1.19
CA PHE B 15 21.28 -32.42 0.66
C PHE B 15 22.06 -31.31 -0.04
N GLU B 16 21.51 -30.83 -1.15
CA GLU B 16 22.10 -29.70 -1.85
C GLU B 16 21.43 -28.40 -1.44
N ASP B 17 20.31 -28.54 -0.73
CA ASP B 17 19.61 -27.38 -0.16
C ASP B 17 19.10 -27.75 1.23
N ARG B 18 19.26 -26.84 2.18
CA ARG B 18 18.82 -27.08 3.56
C ARG B 18 17.31 -27.23 3.62
N HIS B 19 16.64 -27.00 2.49
CA HIS B 19 15.19 -27.12 2.41
C HIS B 19 14.77 -28.53 2.04
N GLU B 20 15.75 -29.40 1.80
CA GLU B 20 15.46 -30.79 1.51
C GLU B 20 15.42 -31.60 2.79
N ILE B 21 15.81 -30.96 3.89
CA ILE B 21 15.90 -31.63 5.18
C ILE B 21 14.52 -31.95 5.77
N LYS B 22 13.62 -30.96 5.73
CA LYS B 22 12.28 -31.14 6.29
C LYS B 22 11.56 -32.36 5.69
N PRO B 23 11.42 -32.39 4.35
CA PRO B 23 10.73 -33.52 3.72
C PRO B 23 11.35 -34.86 4.11
N TRP B 24 12.68 -34.91 4.19
CA TRP B 24 13.38 -36.12 4.57
C TRP B 24 13.01 -36.53 5.99
N LEU B 25 12.97 -35.55 6.90
CA LEU B 25 12.60 -35.81 8.29
C LEU B 25 11.13 -36.18 8.43
N GLN B 26 10.29 -35.65 7.54
CA GLN B 26 8.86 -35.95 7.56
C GLN B 26 8.61 -37.42 7.25
N LYS B 27 9.29 -37.94 6.24
CA LYS B 27 9.19 -39.35 5.90
C LYS B 27 9.42 -40.20 7.13
N ILE B 28 10.40 -39.81 7.95
CA ILE B 28 10.79 -40.58 9.11
C ILE B 28 9.83 -40.42 10.28
N PHE B 29 9.35 -39.21 10.52
CA PHE B 29 8.63 -38.92 11.76
C PHE B 29 7.12 -38.87 11.66
N TYR B 30 6.60 -38.51 10.49
CA TYR B 30 5.16 -38.56 10.25
C TYR B 30 4.58 -39.91 10.65
N PRO B 31 5.20 -41.02 10.21
CA PRO B 31 4.69 -42.35 10.56
C PRO B 31 4.68 -42.59 12.07
N GLN B 32 5.54 -41.87 12.80
CA GLN B 32 5.60 -42.02 14.25
C GLN B 32 4.55 -41.17 14.93
N GLY B 33 3.77 -40.44 14.14
CA GLY B 33 2.76 -39.54 14.68
C GLY B 33 3.38 -38.23 15.13
N ILE B 34 4.52 -37.90 14.56
CA ILE B 34 5.24 -36.67 14.90
C ILE B 34 5.17 -35.67 13.76
N ASP B 35 4.59 -34.51 14.03
CA ASP B 35 4.44 -33.46 13.03
C ASP B 35 5.45 -32.35 13.30
N ILE B 36 6.51 -32.31 12.50
CA ILE B 36 7.60 -31.37 12.73
C ILE B 36 7.41 -30.02 12.02
N VAL B 37 7.82 -28.96 12.71
CA VAL B 37 7.84 -27.63 12.14
C VAL B 37 9.23 -27.03 12.40
N ILE B 38 9.57 -26.00 11.62
CA ILE B 38 10.85 -25.33 11.79
C ILE B 38 10.74 -24.29 12.90
N GLU B 39 11.56 -24.46 13.94
CA GLU B 39 11.65 -23.48 15.01
C GLU B 39 12.53 -22.33 14.58
N ARG B 40 13.64 -22.67 13.94
CA ARG B 40 14.61 -21.67 13.49
C ARG B 40 15.49 -22.22 12.37
N SER B 41 15.70 -21.41 11.34
CA SER B 41 16.63 -21.75 10.28
C SER B 41 17.56 -20.59 10.00
N ASP B 42 18.77 -20.91 9.55
CA ASP B 42 19.73 -19.89 9.12
C ASP B 42 20.73 -20.49 8.14
N SER B 43 21.87 -19.82 7.99
CA SER B 43 22.89 -20.25 7.05
C SER B 43 23.39 -21.67 7.30
N SER B 44 23.65 -21.99 8.56
CA SER B 44 24.30 -23.24 8.92
C SER B 44 23.43 -24.23 9.68
N LYS B 45 22.34 -23.75 10.27
CA LYS B 45 21.56 -24.59 11.19
C LYS B 45 20.05 -24.51 10.94
N VAL B 46 19.40 -25.66 11.05
CA VAL B 46 17.96 -25.74 11.00
C VAL B 46 17.48 -26.57 12.18
N THR B 47 16.63 -25.97 13.02
CA THR B 47 16.12 -26.64 14.20
C THR B 47 14.63 -26.92 14.06
N PHE B 48 14.24 -28.15 14.37
CA PHE B 48 12.85 -28.56 14.24
C PHE B 48 12.26 -28.89 15.61
N LYS B 49 10.94 -28.76 15.72
CA LYS B 49 10.21 -29.20 16.90
C LYS B 49 8.79 -29.60 16.52
N CYS B 50 8.04 -30.11 17.49
CA CYS B 50 6.65 -30.49 17.26
C CYS B 50 5.76 -29.28 17.01
N ARG B 51 4.93 -29.37 15.99
CA ARG B 51 3.93 -28.34 15.73
C ARG B 51 3.07 -28.14 16.98
N SER B 52 2.73 -26.88 17.27
CA SER B 52 1.84 -26.59 18.39
C SER B 52 0.39 -26.87 18.02
N VAL B 53 -0.32 -27.59 18.88
CA VAL B 53 -1.72 -27.93 18.63
C VAL B 53 -2.64 -27.39 19.72
N ALA B 72 4.21 -26.79 24.13
CA ALA B 72 5.35 -26.77 25.04
C ALA B 72 6.03 -28.14 25.11
N CYS B 73 6.32 -28.71 23.95
CA CYS B 73 6.98 -30.00 23.87
C CYS B 73 8.49 -29.82 23.67
N PRO B 74 9.29 -30.54 24.45
CA PRO B 74 10.76 -30.41 24.46
C PRO B 74 11.44 -31.13 23.30
N PHE B 75 10.72 -31.99 22.59
CA PHE B 75 11.30 -32.71 21.46
C PHE B 75 11.96 -31.74 20.49
N ARG B 76 13.18 -32.06 20.07
CA ARG B 76 13.93 -31.19 19.17
C ARG B 76 14.78 -31.99 18.19
N ILE B 77 14.81 -31.55 16.94
CA ILE B 77 15.75 -32.10 15.98
C ILE B 77 16.67 -30.97 15.52
N ARG B 78 17.97 -31.23 15.50
CA ARG B 78 18.92 -30.19 15.10
C ARG B 78 19.79 -30.61 13.92
N ALA B 79 19.62 -29.93 12.81
CA ALA B 79 20.47 -30.13 11.64
C ALA B 79 21.49 -29.00 11.56
N ALA B 80 22.76 -29.37 11.50
CA ALA B 80 23.82 -28.38 11.39
C ALA B 80 24.80 -28.79 10.29
N TYR B 81 25.16 -27.84 9.43
CA TYR B 81 26.08 -28.10 8.35
C TYR B 81 27.51 -27.86 8.81
N SER B 82 28.34 -28.89 8.73
CA SER B 82 29.75 -28.75 9.08
C SER B 82 30.59 -28.54 7.83
N VAL B 83 31.22 -27.38 7.73
CA VAL B 83 32.07 -27.06 6.60
C VAL B 83 33.24 -28.04 6.50
N ARG B 84 33.70 -28.51 7.65
CA ARG B 84 34.82 -29.44 7.70
C ARG B 84 34.52 -30.75 6.97
N LEU B 85 33.29 -31.23 7.11
CA LEU B 85 32.91 -32.51 6.52
C LEU B 85 32.07 -32.30 5.25
N GLN B 86 31.75 -31.05 4.96
CA GLN B 86 30.96 -30.70 3.78
C GLN B 86 29.57 -31.33 3.80
N LYS B 87 29.21 -31.94 4.93
CA LYS B 87 27.93 -32.63 5.05
C LYS B 87 27.06 -32.03 6.16
N TRP B 88 25.83 -32.52 6.26
CA TRP B 88 24.91 -32.10 7.31
C TRP B 88 24.86 -33.13 8.42
N ASN B 89 24.96 -32.66 9.66
CA ASN B 89 24.77 -33.52 10.82
C ASN B 89 23.38 -33.34 11.40
N VAL B 90 22.72 -34.44 11.74
CA VAL B 90 21.36 -34.38 12.28
C VAL B 90 21.26 -35.14 13.59
N VAL B 91 20.95 -34.41 14.65
CA VAL B 91 20.83 -35.00 15.97
C VAL B 91 19.42 -34.84 16.51
N VAL B 92 18.89 -35.92 17.08
CA VAL B 92 17.54 -35.90 17.62
C VAL B 92 17.56 -35.86 19.14
N MET B 93 17.12 -34.75 19.71
CA MET B 93 16.87 -34.70 21.15
C MET B 93 15.58 -35.47 21.41
N ASN B 94 15.70 -36.79 21.50
CA ASN B 94 14.54 -37.68 21.62
C ASN B 94 13.96 -37.54 23.02
N ASN B 95 13.59 -36.32 23.38
CA ASN B 95 12.88 -36.05 24.63
C ASN B 95 11.50 -36.70 24.60
N ILE B 96 10.98 -37.03 25.78
CA ILE B 96 9.64 -37.55 25.88
C ILE B 96 8.63 -36.45 25.54
N HIS B 97 7.81 -36.71 24.53
CA HIS B 97 6.83 -35.73 24.09
C HIS B 97 5.81 -35.39 25.17
N SER B 98 5.41 -34.12 25.22
CA SER B 98 4.45 -33.65 26.22
C SER B 98 3.03 -33.82 25.72
N HIS B 99 2.85 -34.70 24.74
CA HIS B 99 1.56 -34.90 24.10
C HIS B 99 1.49 -36.29 23.51
N GLU B 100 0.29 -36.72 23.16
CA GLU B 100 0.12 -38.03 22.52
C GLU B 100 0.43 -37.92 21.03
N LEU B 101 1.07 -38.95 20.50
CA LEU B 101 1.39 -38.99 19.07
C LEU B 101 0.25 -39.66 18.30
N ARG B 102 -0.34 -38.92 17.39
CA ARG B 102 -1.48 -39.41 16.61
C ARG B 102 -1.30 -39.10 15.13
N PHE B 103 -1.36 -40.12 14.29
CA PHE B 103 -1.20 -39.91 12.87
C PHE B 103 -2.48 -39.34 12.24
N ASP B 104 -3.63 -39.78 12.74
CA ASP B 104 -4.92 -39.34 12.19
C ASP B 104 -5.03 -37.83 12.05
N LEU B 105 -4.64 -37.10 13.10
CA LEU B 105 -4.74 -35.65 13.11
C LEU B 105 -3.85 -35.04 12.04
N ILE B 106 -2.66 -35.60 11.90
CA ILE B 106 -1.65 -35.11 10.96
C ILE B 106 -2.15 -35.05 9.51
N THR B 107 -3.00 -36.00 9.14
CA THR B 107 -3.42 -36.14 7.76
C THR B 107 -4.26 -34.97 7.27
N LYS B 108 -4.72 -34.15 8.20
CA LYS B 108 -5.61 -33.04 7.85
C LYS B 108 -4.87 -31.73 7.61
N THR B 109 -3.63 -31.65 8.07
CA THR B 109 -2.86 -30.41 7.95
C THR B 109 -2.45 -30.11 6.51
N ASP B 110 -2.04 -28.87 6.27
CA ASP B 110 -1.65 -28.42 4.94
C ASP B 110 -0.28 -28.97 4.57
N ASP B 111 0.63 -28.99 5.55
CA ASP B 111 1.96 -29.55 5.34
C ASP B 111 1.90 -30.99 4.87
N TYR B 112 1.02 -31.79 5.47
CA TYR B 112 0.92 -33.20 5.11
C TYR B 112 0.58 -33.37 3.63
N LYS B 113 -0.43 -32.62 3.19
CA LYS B 113 -0.88 -32.70 1.81
C LYS B 113 0.23 -32.31 0.83
N LYS B 114 0.94 -31.23 1.14
CA LYS B 114 2.06 -30.79 0.31
C LYS B 114 3.20 -31.81 0.35
N PHE B 115 3.45 -32.38 1.52
CA PHE B 115 4.45 -33.43 1.68
C PHE B 115 4.10 -34.63 0.81
N LYS B 116 2.83 -35.03 0.88
CA LYS B 116 2.32 -36.16 0.12
C LYS B 116 2.44 -35.91 -1.38
N GLU B 117 2.01 -34.73 -1.82
CA GLU B 117 2.11 -34.34 -3.22
C GLU B 117 3.56 -34.35 -3.67
N ASN B 118 4.45 -33.98 -2.75
CA ASN B 118 5.87 -33.98 -3.03
C ASN B 118 6.40 -35.40 -3.28
N LEU B 119 5.93 -36.34 -2.48
CA LEU B 119 6.31 -37.74 -2.65
C LEU B 119 5.99 -38.23 -4.07
N ARG B 120 4.93 -37.67 -4.64
CA ARG B 120 4.51 -38.06 -5.99
C ARG B 120 5.40 -37.42 -7.04
N GLN B 121 5.69 -36.14 -6.86
CA GLN B 121 6.55 -35.41 -7.78
C GLN B 121 7.92 -36.08 -7.87
N LYS B 122 8.39 -36.59 -6.74
CA LYS B 122 9.70 -37.23 -6.68
C LYS B 122 9.61 -38.70 -7.03
N ASN B 123 8.41 -39.16 -7.36
CA ASN B 123 8.17 -40.54 -7.73
C ASN B 123 8.74 -41.52 -6.69
N ASP B 124 8.62 -41.14 -5.42
CA ASP B 124 9.03 -41.99 -4.31
C ASP B 124 7.95 -43.04 -4.06
N GLU B 125 7.83 -43.99 -4.98
CA GLU B 125 6.76 -45.00 -4.92
C GLU B 125 6.72 -45.73 -3.58
N LYS B 126 7.89 -46.09 -3.07
CA LYS B 126 7.97 -46.79 -1.79
C LYS B 126 7.26 -46.00 -0.70
N ALA B 127 7.60 -44.73 -0.57
CA ALA B 127 7.02 -43.88 0.47
C ALA B 127 5.52 -43.70 0.26
N ILE B 128 5.11 -43.51 -0.99
CA ILE B 128 3.71 -43.30 -1.32
C ILE B 128 2.85 -44.46 -0.84
N LYS B 129 3.36 -45.68 -1.01
CA LYS B 129 2.64 -46.86 -0.55
C LYS B 129 2.56 -46.88 0.97
N THR B 130 3.67 -46.57 1.61
CA THR B 130 3.74 -46.55 3.07
C THR B 130 2.67 -45.65 3.68
N PHE B 131 2.56 -44.44 3.15
CA PHE B 131 1.62 -43.47 3.70
C PHE B 131 0.18 -43.72 3.26
N ASP B 132 0.02 -44.43 2.14
CA ASP B 132 -1.31 -44.84 1.69
C ASP B 132 -1.91 -45.89 2.63
N GLU B 133 -1.04 -46.74 3.17
CA GLU B 133 -1.48 -47.74 4.13
C GLU B 133 -1.76 -47.10 5.48
N LEU B 134 -0.89 -46.20 5.89
CA LEU B 134 -1.06 -45.48 7.15
C LEU B 134 -2.40 -44.76 7.19
N GLU B 135 -2.72 -44.06 6.11
CA GLU B 135 -3.99 -43.34 6.00
C GLU B 135 -5.16 -44.32 6.10
N TYR B 136 -5.06 -45.43 5.38
CA TYR B 136 -6.11 -46.43 5.39
C TYR B 136 -6.30 -47.00 6.79
N LYS B 137 -5.21 -47.42 7.42
CA LYS B 137 -5.27 -47.94 8.78
C LYS B 137 -5.89 -46.90 9.71
N ALA B 138 -5.47 -45.65 9.54
CA ALA B 138 -6.01 -44.55 10.32
C ALA B 138 -7.51 -44.44 10.15
N SER B 139 -7.98 -44.49 8.91
CA SER B 139 -9.41 -44.42 8.63
C SER B 139 -10.16 -45.55 9.33
N LEU B 140 -9.47 -46.67 9.57
CA LEU B 140 -10.08 -47.81 10.24
C LEU B 140 -9.94 -47.69 11.76
N ASN B 141 -9.30 -46.62 12.20
CA ASN B 141 -9.05 -46.40 13.62
C ASN B 141 -8.19 -47.49 14.25
N LEU B 142 -7.22 -47.99 13.48
CA LEU B 142 -6.25 -48.95 14.01
C LEU B 142 -5.12 -48.22 14.71
N PRO B 143 -4.66 -48.78 15.85
CA PRO B 143 -3.57 -48.20 16.63
C PRO B 143 -2.30 -48.01 15.82
N LEU B 144 -1.60 -46.90 16.05
CA LEU B 144 -0.35 -46.62 15.36
C LEU B 144 0.82 -47.30 16.06
N LEU C 6 -4.96 5.99 26.33
CA LEU C 6 -5.67 5.74 25.07
C LEU C 6 -5.76 7.01 24.24
N ILE C 7 -4.81 7.20 23.33
CA ILE C 7 -4.75 8.40 22.51
C ILE C 7 -4.95 8.09 21.03
N HIS C 8 -6.08 8.53 20.48
CA HIS C 8 -6.33 8.38 19.06
C HIS C 8 -5.49 9.37 18.27
N LEU C 9 -5.02 8.95 17.10
CA LEU C 9 -4.24 9.83 16.24
C LEU C 9 -5.11 10.39 15.12
N ASP C 10 -4.95 11.67 14.82
CA ASP C 10 -5.70 12.33 13.76
C ASP C 10 -4.91 13.49 13.17
N PRO C 11 -5.12 13.75 11.87
CA PRO C 11 -6.00 12.98 10.99
C PRO C 11 -5.33 11.71 10.53
N VAL C 12 -6.12 10.71 10.14
CA VAL C 12 -5.59 9.46 9.63
C VAL C 12 -5.87 9.30 8.14
N PRO C 13 -4.81 9.06 7.35
CA PRO C 13 -4.92 8.90 5.90
C PRO C 13 -5.89 7.79 5.53
N SER C 14 -6.42 7.84 4.31
CA SER C 14 -7.36 6.83 3.84
C SER C 14 -6.61 5.63 3.26
N PHE C 15 -6.00 4.85 4.15
CA PHE C 15 -5.19 3.72 3.72
C PHE C 15 -5.99 2.73 2.87
N GLU C 16 -5.36 2.22 1.82
CA GLU C 16 -5.98 1.22 0.97
C GLU C 16 -5.46 -0.17 1.33
N ASP C 17 -4.35 -0.20 2.07
CA ASP C 17 -3.68 -1.45 2.41
C ASP C 17 -2.94 -1.30 3.74
N ARG C 18 -3.12 -2.29 4.61
CA ARG C 18 -2.48 -2.30 5.92
C ARG C 18 -0.99 -1.94 5.86
N HIS C 19 -0.34 -2.33 4.76
CA HIS C 19 1.10 -2.18 4.65
C HIS C 19 1.55 -0.73 4.52
N GLU C 20 0.63 0.14 4.10
CA GLU C 20 0.94 1.56 3.96
C GLU C 20 1.07 2.24 5.33
N ILE C 21 0.65 1.54 6.36
CA ILE C 21 0.57 2.14 7.69
C ILE C 21 1.95 2.32 8.36
N LYS C 22 2.78 1.28 8.35
CA LYS C 22 4.08 1.35 9.01
C LYS C 22 4.94 2.53 8.56
N PRO C 23 5.14 2.69 7.24
CA PRO C 23 5.98 3.80 6.76
C PRO C 23 5.39 5.16 7.12
N TRP C 24 4.06 5.24 7.15
CA TRP C 24 3.41 6.47 7.60
C TRP C 24 3.73 6.73 9.07
N LEU C 25 3.58 5.70 9.89
CA LEU C 25 3.88 5.82 11.31
C LEU C 25 5.37 6.09 11.57
N GLN C 26 6.24 5.58 10.70
CA GLN C 26 7.68 5.80 10.86
C GLN C 26 8.03 7.28 10.74
N LYS C 27 7.41 7.94 9.76
CA LYS C 27 7.63 9.37 9.55
C LYS C 27 7.27 10.16 10.79
N ILE C 28 6.27 9.66 11.52
CA ILE C 28 5.74 10.36 12.69
C ILE C 28 6.56 10.08 13.95
N PHE C 29 6.98 8.83 14.12
CA PHE C 29 7.60 8.43 15.39
C PHE C 29 9.12 8.43 15.42
N TYR C 30 9.75 8.24 14.27
CA TYR C 30 11.20 8.29 14.19
C TYR C 30 11.78 9.59 14.81
N PRO C 31 11.21 10.76 14.44
CA PRO C 31 11.70 12.01 15.02
C PRO C 31 11.60 12.02 16.54
N GLN C 32 10.70 11.20 17.10
CA GLN C 32 10.52 11.12 18.54
C GLN C 32 11.51 10.17 19.20
N GLY C 33 12.38 9.57 18.39
CA GLY C 33 13.30 8.57 18.90
C GLY C 33 12.61 7.26 19.19
N ILE C 34 11.49 7.02 18.52
CA ILE C 34 10.74 5.78 18.67
C ILE C 34 10.90 4.92 17.41
N ASP C 35 11.38 3.70 17.58
CA ASP C 35 11.66 2.79 16.47
C ASP C 35 10.62 1.68 16.45
N ILE C 36 9.60 1.83 15.62
CA ILE C 36 8.46 0.91 15.65
C ILE C 36 8.63 -0.35 14.79
N VAL C 37 8.22 -1.47 15.35
CA VAL C 37 8.19 -2.73 14.63
C VAL C 37 6.77 -3.31 14.68
N ILE C 38 6.45 -4.16 13.72
CA ILE C 38 5.13 -4.81 13.70
C ILE C 38 5.11 -6.03 14.62
N GLU C 39 4.23 -6.00 15.60
CA GLU C 39 4.03 -7.14 16.48
C GLU C 39 3.12 -8.17 15.81
N ARG C 40 2.11 -7.66 15.11
CA ARG C 40 1.15 -8.51 14.42
C ARG C 40 0.39 -7.72 13.37
N SER C 41 0.04 -8.36 12.27
CA SER C 41 -0.77 -7.73 11.24
C SER C 41 -1.64 -8.72 10.50
N ASP C 42 -2.77 -8.24 9.99
CA ASP C 42 -3.52 -8.93 8.97
C ASP C 42 -4.23 -7.89 8.08
N SER C 43 -5.11 -8.34 7.22
CA SER C 43 -5.79 -7.45 6.27
C SER C 43 -6.40 -6.20 6.90
N SER C 44 -6.84 -6.31 8.15
CA SER C 44 -7.66 -5.26 8.76
C SER C 44 -7.06 -4.63 10.02
N LYS C 45 -5.90 -5.10 10.44
CA LYS C 45 -5.25 -4.54 11.62
C LYS C 45 -3.73 -4.65 11.59
N VAL C 46 -3.07 -3.72 12.25
CA VAL C 46 -1.63 -3.81 12.51
C VAL C 46 -1.31 -3.27 13.89
N THR C 47 -0.64 -4.08 14.70
CA THR C 47 -0.21 -3.66 16.02
C THR C 47 1.30 -3.42 16.01
N PHE C 48 1.71 -2.28 16.56
CA PHE C 48 3.12 -1.89 16.57
C PHE C 48 3.67 -1.77 17.98
N LYS C 49 4.97 -1.99 18.12
CA LYS C 49 5.66 -1.74 19.37
C LYS C 49 7.08 -1.27 19.09
N CYS C 50 7.81 -0.93 20.14
CA CYS C 50 9.21 -0.52 19.98
C CYS C 50 10.06 -1.73 19.63
N ARG C 51 11.02 -1.53 18.73
CA ARG C 51 11.99 -2.58 18.44
C ARG C 51 12.57 -3.06 19.76
N SER C 52 12.74 -4.38 19.88
CA SER C 52 13.13 -4.97 21.15
C SER C 52 14.55 -4.60 21.57
N VAL C 53 14.67 -4.12 22.80
CA VAL C 53 15.94 -3.71 23.36
C VAL C 53 17.00 -4.81 23.22
N ALA C 72 11.43 -4.95 28.58
CA ALA C 72 10.26 -5.04 27.70
C ALA C 72 9.41 -3.76 27.79
N CYS C 73 9.27 -3.08 26.65
CA CYS C 73 8.53 -1.83 26.60
C CYS C 73 7.04 -2.05 26.36
N PRO C 74 6.20 -1.43 27.20
CA PRO C 74 4.74 -1.57 27.14
C PRO C 74 4.10 -0.73 26.04
N PHE C 75 4.84 0.28 25.55
CA PHE C 75 4.34 1.13 24.48
C PHE C 75 3.71 0.33 23.35
N ARG C 76 2.52 0.72 22.93
CA ARG C 76 1.81 0.03 21.86
C ARG C 76 1.06 0.99 20.96
N ILE C 77 1.02 0.68 19.66
CA ILE C 77 0.15 1.37 18.72
C ILE C 77 -0.69 0.33 18.00
N ARG C 78 -2.01 0.56 17.95
CA ARG C 78 -2.90 -0.36 17.27
C ARG C 78 -3.67 0.32 16.16
N ALA C 79 -3.45 -0.14 14.93
CA ALA C 79 -4.21 0.34 13.78
C ALA C 79 -5.25 -0.70 13.40
N ALA C 80 -6.51 -0.31 13.40
CA ALA C 80 -7.60 -1.25 13.09
C ALA C 80 -8.69 -0.57 12.30
N TYR C 81 -9.18 -1.23 11.26
CA TYR C 81 -10.28 -0.66 10.49
C TYR C 81 -11.57 -0.71 11.30
N SER C 82 -12.35 0.36 11.21
CA SER C 82 -13.66 0.41 11.85
C SER C 82 -14.74 0.46 10.79
N VAL C 83 -15.60 -0.54 10.78
CA VAL C 83 -16.72 -0.55 9.84
C VAL C 83 -17.75 0.51 10.22
N ARG C 84 -17.93 0.70 11.52
CA ARG C 84 -18.90 1.65 12.04
C ARG C 84 -18.57 3.08 11.61
N LEU C 85 -17.29 3.34 11.39
CA LEU C 85 -16.84 4.67 10.99
C LEU C 85 -16.27 4.66 9.57
N GLN C 86 -16.21 3.47 8.96
CA GLN C 86 -15.62 3.30 7.64
C GLN C 86 -14.30 4.06 7.51
N LYS C 87 -13.34 3.71 8.35
CA LYS C 87 -12.01 4.31 8.31
C LYS C 87 -11.08 3.57 9.24
N TRP C 88 -9.78 3.79 9.07
CA TRP C 88 -8.79 3.21 9.97
C TRP C 88 -8.67 4.03 11.24
N ASN C 89 -8.72 3.37 12.39
CA ASN C 89 -8.37 3.99 13.65
C ASN C 89 -6.94 3.62 14.04
N VAL C 90 -6.16 4.62 14.43
CA VAL C 90 -4.79 4.40 14.90
C VAL C 90 -4.65 4.93 16.31
N VAL C 91 -4.57 4.03 17.28
CA VAL C 91 -4.57 4.43 18.68
C VAL C 91 -3.26 4.09 19.39
N VAL C 92 -2.72 5.06 20.12
CA VAL C 92 -1.59 4.78 21.00
C VAL C 92 -2.12 4.18 22.29
N MET C 93 -2.01 2.85 22.41
CA MET C 93 -2.61 2.12 23.51
C MET C 93 -1.86 2.35 24.83
N ASN C 94 -0.56 2.56 24.73
CA ASN C 94 0.26 2.85 25.90
C ASN C 94 1.29 3.91 25.55
N ASN C 95 1.61 4.77 26.51
CA ASN C 95 2.49 5.90 26.26
C ASN C 95 3.80 5.80 27.02
N ILE C 96 3.93 4.74 27.83
CA ILE C 96 5.11 4.56 28.68
C ILE C 96 6.20 3.76 28.00
N HIS C 97 7.45 4.17 28.20
CA HIS C 97 8.60 3.45 27.65
C HIS C 97 9.50 2.94 28.76
N SER C 98 10.11 1.78 28.53
CA SER C 98 10.99 1.17 29.52
C SER C 98 12.44 1.45 29.15
N HIS C 99 12.65 2.55 28.43
CA HIS C 99 13.96 2.85 27.88
C HIS C 99 14.02 4.30 27.43
N GLU C 100 15.23 4.79 27.16
CA GLU C 100 15.39 6.16 26.70
C GLU C 100 15.14 6.23 25.19
N LEU C 101 14.70 7.39 24.73
CA LEU C 101 14.45 7.61 23.31
C LEU C 101 15.61 8.36 22.70
N ARG C 102 16.29 7.74 21.73
CA ARG C 102 17.48 8.34 21.15
C ARG C 102 17.51 8.27 19.63
N PHE C 103 17.14 9.37 18.99
CA PHE C 103 17.12 9.47 17.54
C PHE C 103 18.52 9.31 16.95
N ASP C 104 19.52 9.83 17.65
CA ASP C 104 20.89 9.79 17.15
C ASP C 104 21.39 8.36 16.97
N LEU C 105 21.00 7.48 17.88
CA LEU C 105 21.34 6.07 17.77
C LEU C 105 20.55 5.42 16.65
N ILE C 106 19.29 5.82 16.51
CA ILE C 106 18.41 5.26 15.49
C ILE C 106 18.94 5.53 14.08
N THR C 107 19.49 6.72 13.87
CA THR C 107 19.99 7.11 12.55
C THR C 107 21.11 6.20 12.04
N LYS C 108 21.72 5.43 12.95
CA LYS C 108 22.83 4.56 12.59
C LYS C 108 22.35 3.18 12.11
N THR C 109 21.12 2.85 12.46
CA THR C 109 20.58 1.52 12.15
C THR C 109 20.21 1.38 10.68
N ASP C 110 20.36 0.18 10.16
CA ASP C 110 20.05 -0.12 8.76
C ASP C 110 18.58 0.11 8.46
N ASP C 111 17.72 -0.17 9.44
CA ASP C 111 16.29 0.03 9.26
C ASP C 111 15.95 1.48 8.98
N TYR C 112 16.61 2.39 9.68
CA TYR C 112 16.39 3.81 9.44
C TYR C 112 16.92 4.22 8.07
N LYS C 113 18.10 3.72 7.73
CA LYS C 113 18.74 4.05 6.46
C LYS C 113 17.87 3.59 5.29
N LYS C 114 17.23 2.44 5.45
CA LYS C 114 16.31 1.94 4.43
C LYS C 114 15.05 2.79 4.41
N PHE C 115 14.57 3.18 5.59
CA PHE C 115 13.40 4.07 5.67
C PHE C 115 13.71 5.37 4.94
N LYS C 116 14.89 5.90 5.19
CA LYS C 116 15.33 7.15 4.57
C LYS C 116 15.47 7.00 3.06
N GLU C 117 16.05 5.88 2.64
CA GLU C 117 16.24 5.61 1.22
C GLU C 117 14.90 5.47 0.50
N ASN C 118 13.93 4.87 1.19
CA ASN C 118 12.60 4.69 0.61
C ASN C 118 11.87 6.03 0.42
N LEU C 119 12.10 6.97 1.33
CA LEU C 119 11.55 8.31 1.18
C LEU C 119 12.01 8.92 -0.14
N ARG C 120 13.26 8.64 -0.51
CA ARG C 120 13.81 9.16 -1.75
C ARG C 120 13.15 8.52 -2.95
N GLN C 121 12.95 7.20 -2.89
CA GLN C 121 12.28 6.48 -3.97
C GLN C 121 10.86 6.98 -4.17
N LYS C 122 10.19 7.32 -3.08
CA LYS C 122 8.82 7.83 -3.15
C LYS C 122 8.77 9.31 -3.50
N ASN C 123 9.94 9.90 -3.72
CA ASN C 123 10.05 11.31 -4.05
C ASN C 123 9.31 12.19 -3.04
N ASP C 124 9.35 11.79 -1.78
CA ASP C 124 8.72 12.56 -0.70
C ASP C 124 9.67 13.65 -0.22
N GLU C 125 9.88 14.65 -1.07
CA GLU C 125 10.87 15.69 -0.82
C GLU C 125 10.69 16.39 0.53
N LYS C 126 9.45 16.63 0.92
CA LYS C 126 9.20 17.32 2.19
C LYS C 126 9.74 16.51 3.37
N ALA C 127 9.44 15.21 3.39
CA ALA C 127 9.90 14.34 4.47
C ALA C 127 11.43 14.25 4.49
N ILE C 128 12.04 14.21 3.31
CA ILE C 128 13.49 14.16 3.21
C ILE C 128 14.14 15.37 3.87
N LYS C 129 13.57 16.55 3.62
CA LYS C 129 14.04 17.77 4.24
C LYS C 129 13.97 17.67 5.76
N THR C 130 12.81 17.23 6.25
CA THR C 130 12.59 17.11 7.69
C THR C 130 13.63 16.22 8.35
N PHE C 131 13.91 15.07 7.73
CA PHE C 131 14.82 14.11 8.33
C PHE C 131 16.29 14.48 8.15
N ASP C 132 16.61 15.15 7.05
CA ASP C 132 17.94 15.72 6.88
C ASP C 132 18.25 16.66 8.05
N GLU C 133 17.30 17.53 8.37
CA GLU C 133 17.48 18.49 9.45
C GLU C 133 17.62 17.81 10.80
N LEU C 134 16.76 16.84 11.07
CA LEU C 134 16.81 16.08 12.32
C LEU C 134 18.17 15.43 12.49
N GLU C 135 18.69 14.87 11.40
CA GLU C 135 20.02 14.25 11.43
C GLU C 135 21.09 15.31 11.70
N TYR C 136 20.95 16.45 11.03
CA TYR C 136 21.92 17.54 11.18
C TYR C 136 21.96 18.04 12.62
N LYS C 137 20.79 18.19 13.24
CA LYS C 137 20.73 18.62 14.63
C LYS C 137 21.26 17.55 15.56
N ALA C 138 21.02 16.29 15.22
CA ALA C 138 21.50 15.17 16.03
C ALA C 138 23.02 15.12 16.03
N SER C 139 23.63 15.56 14.93
CA SER C 139 25.09 15.56 14.80
C SER C 139 25.70 16.74 15.54
N LEU C 140 24.88 17.73 15.87
CA LEU C 140 25.34 18.88 16.64
C LEU C 140 25.04 18.67 18.12
N ASN C 141 24.65 17.44 18.47
CA ASN C 141 24.34 17.08 19.85
C ASN C 141 23.20 17.91 20.42
N LEU C 142 22.42 18.52 19.55
CA LEU C 142 21.32 19.39 19.96
C LEU C 142 20.12 18.58 20.45
N PRO C 143 19.36 19.16 21.39
CA PRO C 143 18.15 18.54 21.95
C PRO C 143 17.08 18.29 20.90
N LEU C 144 16.33 17.19 21.06
CA LEU C 144 15.26 16.84 20.14
C LEU C 144 14.06 16.26 20.88
N LEU D 6 9.38 34.64 -23.32
CA LEU D 6 9.85 33.81 -22.21
C LEU D 6 10.44 34.67 -21.10
N ILE D 7 9.83 34.63 -19.93
CA ILE D 7 10.25 35.46 -18.81
C ILE D 7 10.66 34.63 -17.59
N HIS D 8 11.92 34.74 -17.20
CA HIS D 8 12.41 34.06 -16.02
C HIS D 8 12.29 34.96 -14.78
N LEU D 9 11.30 34.67 -13.95
CA LEU D 9 11.07 35.45 -12.74
C LEU D 9 12.27 35.41 -11.81
N ASP D 10 12.61 36.57 -11.25
CA ASP D 10 13.76 36.69 -10.37
C ASP D 10 13.67 37.99 -9.58
N PRO D 11 13.83 37.91 -8.24
CA PRO D 11 14.10 36.65 -7.54
C PRO D 11 12.82 35.90 -7.18
N VAL D 12 12.99 34.66 -6.72
CA VAL D 12 11.87 33.81 -6.33
C VAL D 12 11.98 33.49 -4.83
N PRO D 13 10.87 33.58 -4.11
CA PRO D 13 10.84 33.24 -2.68
C PRO D 13 11.39 31.83 -2.44
N SER D 14 11.92 31.60 -1.25
CA SER D 14 12.43 30.28 -0.89
C SER D 14 11.29 29.38 -0.40
N PHE D 15 10.41 29.02 -1.32
CA PHE D 15 9.27 28.16 -1.00
C PHE D 15 9.67 26.94 -0.20
N GLU D 16 8.93 26.66 0.87
CA GLU D 16 9.15 25.47 1.67
C GLU D 16 8.23 24.36 1.18
N ASP D 17 7.12 24.75 0.59
CA ASP D 17 6.14 23.82 0.03
C ASP D 17 5.73 24.33 -1.35
N ARG D 18 5.57 23.40 -2.30
CA ARG D 18 5.17 23.78 -3.64
C ARG D 18 3.79 24.45 -3.64
N HIS D 19 3.05 24.27 -2.56
CA HIS D 19 1.70 24.83 -2.45
C HIS D 19 1.73 26.30 -2.07
N GLU D 20 2.92 26.83 -1.89
CA GLU D 20 3.08 28.26 -1.63
C GLU D 20 3.21 29.00 -2.95
N ILE D 21 3.41 28.24 -4.02
CA ILE D 21 3.69 28.84 -5.32
C ILE D 21 2.48 29.54 -5.94
N LYS D 22 1.34 28.84 -5.96
CA LYS D 22 0.13 29.39 -6.55
C LYS D 22 -0.27 30.74 -5.96
N PRO D 23 -0.41 30.82 -4.62
CA PRO D 23 -0.79 32.09 -3.98
C PRO D 23 0.17 33.23 -4.33
N TRP D 24 1.45 32.90 -4.47
CA TRP D 24 2.45 33.91 -4.80
C TRP D 24 2.28 34.38 -6.23
N LEU D 25 1.95 33.45 -7.13
CA LEU D 25 1.70 33.80 -8.52
C LEU D 25 0.37 34.53 -8.69
N GLN D 26 -0.59 34.23 -7.82
CA GLN D 26 -1.89 34.87 -7.88
C GLN D 26 -1.79 36.37 -7.61
N LYS D 27 -1.01 36.73 -6.60
CA LYS D 27 -0.78 38.14 -6.29
C LYS D 27 -0.24 38.87 -7.51
N ILE D 28 0.54 38.16 -8.31
CA ILE D 28 1.19 38.74 -9.48
C ILE D 28 0.25 38.85 -10.67
N PHE D 29 -0.57 37.82 -10.87
CA PHE D 29 -1.34 37.71 -12.10
C PHE D 29 -2.82 38.07 -11.98
N TYR D 30 -3.37 37.95 -10.77
CA TYR D 30 -4.75 38.39 -10.54
C TYR D 30 -4.95 39.84 -10.97
N PRO D 31 -4.02 40.73 -10.57
CA PRO D 31 -4.16 42.15 -10.95
C PRO D 31 -4.14 42.32 -12.46
N GLN D 32 -3.51 41.39 -13.17
CA GLN D 32 -3.41 41.46 -14.62
C GLN D 32 -4.68 40.95 -15.29
N GLY D 33 -5.62 40.46 -14.49
CA GLY D 33 -6.84 39.88 -15.01
C GLY D 33 -6.61 38.45 -15.47
N ILE D 34 -5.54 37.84 -14.97
CA ILE D 34 -5.21 36.46 -15.29
C ILE D 34 -5.56 35.53 -14.13
N ASP D 35 -6.27 34.44 -14.45
CA ASP D 35 -6.73 33.51 -13.43
C ASP D 35 -6.08 32.14 -13.63
N ILE D 36 -5.02 31.88 -12.88
CA ILE D 36 -4.23 30.67 -13.09
C ILE D 36 -4.75 29.45 -12.35
N VAL D 37 -4.67 28.29 -13.01
CA VAL D 37 -5.02 27.01 -12.40
C VAL D 37 -3.89 26.02 -12.67
N ILE D 38 -3.87 24.94 -11.91
CA ILE D 38 -2.83 23.92 -12.06
C ILE D 38 -3.14 22.95 -13.19
N GLU D 39 -2.26 22.89 -14.18
CA GLU D 39 -2.39 21.92 -15.27
C GLU D 39 -1.78 20.60 -14.82
N ARG D 40 -0.65 20.69 -14.15
CA ARG D 40 0.04 19.51 -13.64
C ARG D 40 0.95 19.88 -12.48
N SER D 41 1.07 18.97 -11.52
CA SER D 41 1.99 19.15 -10.42
C SER D 41 2.51 17.82 -9.89
N ASP D 42 3.70 17.85 -9.33
CA ASP D 42 4.19 16.77 -8.48
C ASP D 42 5.14 17.38 -7.45
N SER D 43 5.91 16.54 -6.78
CA SER D 43 6.77 17.00 -5.68
C SER D 43 7.69 18.16 -6.08
N SER D 44 8.17 18.14 -7.32
CA SER D 44 9.21 19.08 -7.74
C SER D 44 8.81 20.03 -8.87
N LYS D 45 7.53 20.06 -9.21
CA LYS D 45 7.09 20.98 -10.27
C LYS D 45 5.61 21.34 -10.16
N VAL D 46 5.27 22.52 -10.66
CA VAL D 46 3.89 22.93 -10.82
C VAL D 46 3.78 23.74 -12.11
N THR D 47 2.90 23.32 -13.00
CA THR D 47 2.68 24.03 -14.26
C THR D 47 1.30 24.67 -14.25
N PHE D 48 1.24 25.95 -14.58
CA PHE D 48 -0.02 26.70 -14.53
C PHE D 48 -0.51 27.10 -15.91
N LYS D 49 -1.83 27.20 -16.05
CA LYS D 49 -2.46 27.74 -17.24
C LYS D 49 -3.64 28.61 -16.84
N CYS D 50 -4.24 29.29 -17.81
CA CYS D 50 -5.46 30.05 -17.54
C CYS D 50 -6.63 29.10 -17.32
N ARG D 51 -7.49 29.45 -16.37
CA ARG D 51 -8.71 28.68 -16.13
C ARG D 51 -9.55 28.65 -17.40
N SER D 52 -10.13 27.50 -17.69
CA SER D 52 -10.99 27.36 -18.87
C SER D 52 -12.31 28.07 -18.65
N ALA D 72 -8.49 27.09 -24.17
CA ALA D 72 -7.55 26.86 -25.25
C ALA D 72 -6.49 27.96 -25.31
N CYS D 73 -6.16 28.54 -24.16
CA CYS D 73 -5.14 29.57 -24.09
C CYS D 73 -3.76 28.93 -23.99
N PRO D 74 -2.79 29.46 -24.76
CA PRO D 74 -1.42 28.94 -24.79
C PRO D 74 -0.56 29.47 -23.64
N PHE D 75 -1.09 30.44 -22.89
CA PHE D 75 -0.36 31.00 -21.75
C PHE D 75 0.00 29.92 -20.74
N ARG D 76 1.28 29.88 -20.34
CA ARG D 76 1.74 28.87 -19.39
C ARG D 76 2.74 29.46 -18.40
N ILE D 77 2.75 28.91 -17.18
CA ILE D 77 3.75 29.26 -16.19
C ILE D 77 4.36 27.96 -15.63
N ARG D 78 5.66 27.79 -15.83
CA ARG D 78 6.32 26.57 -15.37
C ARG D 78 7.23 26.79 -14.18
N ALA D 79 6.82 26.24 -13.03
CA ALA D 79 7.64 26.25 -11.83
C ALA D 79 8.26 24.88 -11.65
N ALA D 80 9.58 24.84 -11.43
CA ALA D 80 10.29 23.58 -11.24
C ALA D 80 11.52 23.76 -10.36
N TYR D 81 11.71 22.85 -9.42
CA TYR D 81 12.85 22.94 -8.51
C TYR D 81 14.15 22.58 -9.23
N SER D 82 15.17 23.40 -9.01
CA SER D 82 16.49 23.17 -9.57
C SER D 82 17.45 22.76 -8.48
N VAL D 83 17.90 21.51 -8.52
CA VAL D 83 18.87 21.03 -7.56
C VAL D 83 20.17 21.80 -7.72
N ARG D 84 20.54 22.07 -8.96
CA ARG D 84 21.79 22.76 -9.26
C ARG D 84 21.84 24.14 -8.60
N LEU D 85 20.68 24.79 -8.53
CA LEU D 85 20.62 26.14 -7.97
C LEU D 85 20.02 26.14 -6.57
N GLN D 86 19.63 24.97 -6.09
CA GLN D 86 19.00 24.83 -4.78
C GLN D 86 17.86 25.84 -4.61
N LYS D 87 17.00 25.93 -5.62
CA LYS D 87 15.87 26.85 -5.58
C LYS D 87 14.84 26.50 -6.63
N TRP D 88 13.64 27.07 -6.51
CA TRP D 88 12.60 26.94 -7.52
C TRP D 88 12.83 27.94 -8.64
N ASN D 89 12.78 27.47 -9.88
CA ASN D 89 12.77 28.35 -11.03
C ASN D 89 11.32 28.55 -11.48
N VAL D 90 10.98 29.78 -11.83
CA VAL D 90 9.65 30.07 -12.37
C VAL D 90 9.77 30.80 -13.70
N VAL D 91 9.23 30.18 -14.74
CA VAL D 91 9.32 30.73 -16.08
C VAL D 91 7.93 31.01 -16.64
N VAL D 92 7.75 32.18 -17.25
CA VAL D 92 6.49 32.51 -17.89
C VAL D 92 6.59 32.31 -19.40
N MET D 93 5.71 31.45 -19.93
CA MET D 93 5.68 31.15 -21.35
C MET D 93 4.51 31.84 -22.05
N ASN D 94 4.74 32.21 -23.31
CA ASN D 94 3.68 32.69 -24.18
C ASN D 94 2.57 33.72 -23.96
N ASN D 95 2.96 34.93 -23.58
CA ASN D 95 2.08 35.93 -22.97
C ASN D 95 0.80 36.17 -23.75
N ILE D 96 0.81 35.85 -25.05
CA ILE D 96 -0.34 36.14 -25.90
C ILE D 96 -1.55 35.27 -25.58
N HIS D 97 -2.52 35.87 -24.90
CA HIS D 97 -3.73 35.16 -24.49
C HIS D 97 -4.76 35.10 -25.62
N SER D 98 -5.58 34.06 -25.61
CA SER D 98 -6.59 33.85 -26.63
C SER D 98 -7.95 34.34 -26.16
N HIS D 99 -7.95 35.23 -25.17
CA HIS D 99 -9.18 35.71 -24.56
C HIS D 99 -8.94 37.06 -23.90
N GLU D 100 -10.01 37.67 -23.40
CA GLU D 100 -9.91 38.93 -22.70
C GLU D 100 -9.50 38.72 -21.24
N LEU D 101 -8.69 39.63 -20.72
CA LEU D 101 -8.32 39.59 -19.31
C LEU D 101 -9.19 40.56 -18.54
N ARG D 102 -10.14 40.03 -17.77
CA ARG D 102 -11.09 40.84 -17.04
C ARG D 102 -11.06 40.55 -15.54
N PHE D 103 -10.44 41.44 -14.79
CA PHE D 103 -10.32 41.28 -13.34
C PHE D 103 -11.68 41.32 -12.64
N ASP D 104 -12.62 42.07 -13.20
CA ASP D 104 -13.94 42.20 -12.60
C ASP D 104 -14.61 40.83 -12.41
N LEU D 105 -14.64 40.02 -13.46
CA LEU D 105 -15.27 38.72 -13.40
C LEU D 105 -14.50 37.76 -12.50
N ILE D 106 -13.20 38.00 -12.34
CA ILE D 106 -12.36 37.17 -11.49
C ILE D 106 -12.74 37.29 -10.01
N THR D 107 -13.03 38.51 -9.56
CA THR D 107 -13.38 38.75 -8.17
C THR D 107 -14.64 37.99 -7.72
N LYS D 108 -15.35 37.39 -8.66
CA LYS D 108 -16.58 36.67 -8.33
C LYS D 108 -16.34 35.18 -8.09
N THR D 109 -15.19 34.68 -8.54
CA THR D 109 -14.87 33.25 -8.39
C THR D 109 -14.61 32.87 -6.93
N ASP D 110 -14.57 31.57 -6.67
CA ASP D 110 -14.35 31.05 -5.33
C ASP D 110 -12.86 31.03 -5.00
N ASP D 111 -12.03 30.76 -6.00
CA ASP D 111 -10.59 30.81 -5.84
C ASP D 111 -10.11 32.21 -5.42
N TYR D 112 -10.73 33.24 -5.97
CA TYR D 112 -10.33 34.61 -5.64
C TYR D 112 -10.64 34.93 -4.19
N LYS D 113 -11.86 34.59 -3.77
CA LYS D 113 -12.30 34.85 -2.41
C LYS D 113 -11.45 34.12 -1.38
N LYS D 114 -11.00 32.91 -1.73
CA LYS D 114 -10.13 32.14 -0.85
C LYS D 114 -8.71 32.72 -0.85
N PHE D 115 -8.26 33.19 -2.02
CA PHE D 115 -7.00 33.90 -2.12
C PHE D 115 -7.03 35.14 -1.23
N LYS D 116 -8.14 35.86 -1.27
CA LYS D 116 -8.30 37.09 -0.50
C LYS D 116 -8.30 36.79 0.99
N GLU D 117 -9.03 35.75 1.38
CA GLU D 117 -9.08 35.33 2.78
C GLU D 117 -7.70 34.89 3.26
N ASN D 118 -6.96 34.22 2.39
CA ASN D 118 -5.61 33.78 2.71
C ASN D 118 -4.71 34.98 2.99
N LEU D 119 -4.82 36.02 2.17
CA LEU D 119 -4.04 37.24 2.36
C LEU D 119 -4.23 37.77 3.78
N ARG D 120 -5.48 37.77 4.24
CA ARG D 120 -5.78 38.27 5.58
C ARG D 120 -5.16 37.39 6.65
N GLN D 121 -5.28 36.08 6.47
CA GLN D 121 -4.75 35.13 7.44
C GLN D 121 -3.23 35.21 7.54
N LYS D 122 -2.61 35.68 6.47
CA LYS D 122 -1.16 35.86 6.46
C LYS D 122 -0.81 37.31 6.80
N ASN D 123 -1.83 38.09 7.13
CA ASN D 123 -1.66 39.50 7.48
C ASN D 123 -0.80 40.24 6.47
N ASP D 124 -1.08 40.02 5.20
CA ASP D 124 -0.37 40.72 4.12
C ASP D 124 -1.08 42.03 3.82
N GLU D 125 -0.94 42.99 4.74
CA GLU D 125 -1.64 44.27 4.63
C GLU D 125 -1.41 44.96 3.29
N LYS D 126 -0.18 44.96 2.81
CA LYS D 126 0.15 45.59 1.54
C LYS D 126 -0.69 45.00 0.40
N ALA D 127 -0.67 43.68 0.27
CA ALA D 127 -1.46 43.01 -0.77
C ALA D 127 -2.95 43.27 -0.58
N ILE D 128 -3.40 43.22 0.67
CA ILE D 128 -4.80 43.45 0.97
C ILE D 128 -5.26 44.83 0.49
N LYS D 129 -4.42 45.84 0.71
CA LYS D 129 -4.73 47.19 0.25
C LYS D 129 -4.79 47.23 -1.27
N THR D 130 -3.81 46.61 -1.92
CA THR D 130 -3.75 46.59 -3.38
C THR D 130 -5.03 46.04 -4.00
N PHE D 131 -5.55 44.96 -3.44
CA PHE D 131 -6.72 44.30 -4.00
C PHE D 131 -8.04 45.00 -3.65
N ASP D 132 -8.10 45.60 -2.47
CA ASP D 132 -9.26 46.42 -2.11
C ASP D 132 -9.42 47.55 -3.13
N GLU D 133 -8.32 48.21 -3.46
CA GLU D 133 -8.32 49.29 -4.45
C GLU D 133 -8.68 48.76 -5.84
N LEU D 134 -8.11 47.62 -6.20
CA LEU D 134 -8.41 46.99 -7.48
C LEU D 134 -9.90 46.65 -7.59
N GLU D 135 -10.45 46.10 -6.53
CA GLU D 135 -11.87 45.78 -6.48
C GLU D 135 -12.72 47.05 -6.58
N TYR D 136 -12.30 48.10 -5.89
CA TYR D 136 -13.05 49.36 -5.92
C TYR D 136 -13.00 49.97 -7.32
N LYS D 137 -11.82 50.00 -7.92
CA LYS D 137 -11.67 50.52 -9.27
C LYS D 137 -12.53 49.73 -10.24
N ALA D 138 -12.52 48.42 -10.09
CA ALA D 138 -13.30 47.54 -10.96
C ALA D 138 -14.80 47.82 -10.82
N SER D 139 -15.23 48.07 -9.58
CA SER D 139 -16.65 48.36 -9.33
C SER D 139 -17.05 49.69 -9.95
N LEU D 140 -16.05 50.48 -10.35
CA LEU D 140 -16.31 51.76 -11.01
C LEU D 140 -16.22 51.62 -12.53
N ASN D 141 -15.94 50.41 -12.99
CA ASN D 141 -15.76 50.14 -14.42
C ASN D 141 -14.64 50.95 -15.04
N LEU D 142 -13.52 51.06 -14.33
CA LEU D 142 -12.33 51.72 -14.86
C LEU D 142 -11.39 50.69 -15.49
N PRO D 143 -10.73 51.08 -16.59
CA PRO D 143 -9.80 50.21 -17.30
C PRO D 143 -8.82 49.52 -16.35
N LEU D 144 -8.54 48.25 -16.60
CA LEU D 144 -7.65 47.47 -15.74
C LEU D 144 -6.41 47.02 -16.51
ZN ZN I . -12.00 -1.48 -24.02
ZN ZN J . 6.39 -33.53 20.67
ZN ZN K . 16.57 -23.28 -0.52
ZN ZN L . 9.45 1.96 23.84
ZN ZN M . -4.95 33.11 -20.99
ZN ZN N . 2.14 20.89 0.13
#